data_2R25
#
_entry.id   2R25
#
_cell.length_a   52.013
_cell.length_b   75.544
_cell.length_c   98.392
_cell.angle_alpha   90.00
_cell.angle_beta   90.00
_cell.angle_gamma   90.00
#
_symmetry.space_group_name_H-M   'P 21 21 21'
#
loop_
_entity.id
_entity.type
_entity.pdbx_description
1 polymer 'Phosphorelay intermediate protein YPD1'
2 polymer 'Osmosensing histidine protein kinase SLN1'
3 non-polymer 'MAGNESIUM ION'
4 non-polymer 'SODIUM ION'
5 non-polymer 'BERYLLIUM TRIFLUORIDE ION'
6 water water
#
loop_
_entity_poly.entity_id
_entity_poly.type
_entity_poly.pdbx_seq_one_letter_code
_entity_poly.pdbx_strand_id
1 'polypeptide(L)'
;MSTIPSEIINWTILNEIISMDDDDSDFSKGLIIQFIDQAQTTFAQMQRQLDGEKNLTELDNLGHFLKGSSAALGLQRIAW
VCERIQNLGRKMEHFFPNKTELVNTLSDKSIINGINIDEDDEEIKIQVDDKDENSIYLILIAKALNQSRLEFKLARIELS
KYYNTNL
;
A
2 'polypeptide(L)'
;TSVKILVVEDNHVNQEVIKRMLNLEGIENIELACDGQEAFDKVKELTSKGENYNMIFMDVQMPKVDGLLSTKMIRRDLGY
TSPIVALTAFADDSNIKECLESGMNGFLSKPIKRPKLKTILTEFCAAYQGKKN
;
B
#
# COMPACT_ATOMS: atom_id res chain seq x y z
N SER A 2 -11.59 -11.47 9.63
CA SER A 2 -12.14 -10.47 8.66
C SER A 2 -12.93 -11.17 7.56
N THR A 3 -13.93 -10.46 7.02
CA THR A 3 -14.64 -10.93 5.85
C THR A 3 -14.17 -10.04 4.66
N ILE A 4 -13.97 -10.66 3.50
CA ILE A 4 -13.57 -9.89 2.29
C ILE A 4 -14.71 -8.89 1.99
N PRO A 5 -14.36 -7.63 1.61
CA PRO A 5 -15.41 -6.71 1.15
C PRO A 5 -16.24 -7.25 0.02
N SER A 6 -17.55 -6.87 -0.05
CA SER A 6 -18.38 -7.39 -1.16
C SER A 6 -18.19 -6.65 -2.50
N GLU A 7 -17.83 -5.37 -2.42
CA GLU A 7 -17.72 -4.50 -3.58
C GLU A 7 -16.29 -4.49 -4.10
N ILE A 8 -16.18 -4.58 -5.41
CA ILE A 8 -14.85 -4.68 -6.08
C ILE A 8 -14.12 -3.33 -5.92
N ILE A 9 -14.86 -2.22 -6.10
CA ILE A 9 -14.34 -0.86 -5.96
C ILE A 9 -15.04 -0.12 -4.81
N ASN A 10 -14.27 0.39 -3.86
CA ASN A 10 -14.78 1.32 -2.86
C ASN A 10 -14.80 2.69 -3.50
N TRP A 11 -16.00 3.11 -3.96
CA TRP A 11 -16.12 4.35 -4.65
C TRP A 11 -15.85 5.57 -3.81
N THR A 12 -16.05 5.48 -2.48
CA THR A 12 -15.65 6.58 -1.61
C THR A 12 -14.17 6.96 -1.75
N ILE A 13 -13.33 5.94 -1.85
CA ILE A 13 -11.89 6.17 -2.03
CA ILE A 13 -11.88 6.14 -2.05
C ILE A 13 -11.59 6.56 -3.48
N LEU A 14 -12.09 5.80 -4.45
CA LEU A 14 -11.73 6.11 -5.85
C LEU A 14 -12.23 7.44 -6.32
N ASN A 15 -13.47 7.77 -5.96
CA ASN A 15 -13.97 9.12 -6.24
C ASN A 15 -13.08 10.23 -5.67
N GLU A 16 -12.50 9.99 -4.48
CA GLU A 16 -11.60 10.99 -3.86
C GLU A 16 -10.35 11.17 -4.74
N ILE A 17 -9.82 10.06 -5.23
CA ILE A 17 -8.67 10.08 -6.17
C ILE A 17 -9.03 10.85 -7.44
N ILE A 18 -10.14 10.48 -8.08
CA ILE A 18 -10.63 11.17 -9.25
C ILE A 18 -10.83 12.68 -9.00
N SER A 19 -11.29 13.05 -7.78
CA SER A 19 -11.53 14.46 -7.40
C SER A 19 -10.25 15.31 -7.42
N MET A 20 -9.10 14.62 -7.43
CA MET A 20 -7.80 15.30 -7.45
C MET A 20 -7.26 15.56 -8.85
N ASP A 21 -8.03 15.14 -9.86
CA ASP A 21 -7.61 15.35 -11.24
C ASP A 21 -7.51 16.81 -11.65
N ASP A 22 -8.29 17.71 -11.08
CA ASP A 22 -8.45 19.03 -11.76
C ASP A 22 -9.15 18.98 -13.15
N ASP A 23 -8.41 18.58 -14.20
CA ASP A 23 -8.71 19.04 -15.57
C ASP A 23 -9.01 18.00 -16.67
N ASP A 24 -8.25 16.91 -16.75
CA ASP A 24 -8.49 15.94 -17.84
C ASP A 24 -8.71 14.48 -17.42
N SER A 25 -8.17 14.08 -16.28
CA SER A 25 -8.25 12.69 -15.80
C SER A 25 -6.94 11.90 -15.92
N ASP A 26 -5.88 12.55 -16.38
CA ASP A 26 -4.60 11.88 -16.51
CA ASP A 26 -4.59 11.88 -16.51
C ASP A 26 -4.04 11.46 -15.14
N PHE A 27 -4.27 12.24 -14.07
CA PHE A 27 -3.77 11.79 -12.73
C PHE A 27 -4.38 10.46 -12.32
N SER A 28 -5.69 10.41 -12.09
CA SER A 28 -6.31 9.17 -11.59
C SER A 28 -6.19 7.97 -12.57
N LYS A 29 -6.47 8.20 -13.86
CA LYS A 29 -6.37 7.10 -14.83
C LYS A 29 -4.90 6.64 -14.90
N GLY A 30 -3.99 7.61 -14.80
CA GLY A 30 -2.55 7.24 -14.75
C GLY A 30 -2.19 6.36 -13.58
N LEU A 31 -2.74 6.62 -12.40
CA LEU A 31 -2.50 5.73 -11.23
C LEU A 31 -3.07 4.35 -11.46
N ILE A 32 -4.26 4.28 -12.10
CA ILE A 32 -4.89 2.96 -12.42
C ILE A 32 -3.99 2.16 -13.33
N ILE A 33 -3.49 2.81 -14.38
CA ILE A 33 -2.59 2.16 -15.33
C ILE A 33 -1.31 1.72 -14.65
N GLN A 34 -0.75 2.58 -13.79
CA GLN A 34 0.49 2.22 -13.06
C GLN A 34 0.22 0.99 -12.16
N PHE A 35 -0.91 1.01 -11.49
CA PHE A 35 -1.29 -0.08 -10.58
C PHE A 35 -1.43 -1.40 -11.36
N ILE A 36 -2.05 -1.32 -12.52
CA ILE A 36 -2.26 -2.53 -13.28
C ILE A 36 -0.91 -3.21 -13.61
N ASP A 37 -0.02 -2.39 -14.10
CA ASP A 37 1.38 -2.84 -14.39
C ASP A 37 2.04 -3.41 -13.12
N GLN A 38 1.90 -2.69 -12.00
CA GLN A 38 2.51 -3.09 -10.74
C GLN A 38 1.97 -4.44 -10.34
N ALA A 39 0.65 -4.59 -10.43
CA ALA A 39 0.02 -5.89 -10.09
C ALA A 39 0.58 -7.08 -10.95
N GLN A 40 0.70 -6.86 -12.26
CA GLN A 40 1.27 -7.91 -13.16
C GLN A 40 2.68 -8.27 -12.73
N THR A 41 3.47 -7.23 -12.44
CA THR A 41 4.91 -7.46 -12.07
C THR A 41 4.92 -8.27 -10.74
N THR A 42 4.03 -7.89 -9.82
CA THR A 42 4.09 -8.40 -8.44
C THR A 42 3.60 -9.86 -8.46
N PHE A 43 2.52 -10.12 -9.17
CA PHE A 43 2.06 -11.53 -9.35
C PHE A 43 3.14 -12.42 -9.97
N ALA A 44 3.78 -11.97 -11.04
CA ALA A 44 4.94 -12.72 -11.61
C ALA A 44 6.04 -12.99 -10.55
N GLN A 45 6.37 -11.97 -9.75
CA GLN A 45 7.34 -12.13 -8.66
C GLN A 45 6.91 -13.14 -7.62
N MET A 46 5.62 -13.10 -7.25
CA MET A 46 5.15 -14.03 -6.27
C MET A 46 5.21 -15.43 -6.85
N GLN A 47 4.82 -15.59 -8.10
CA GLN A 47 4.84 -16.91 -8.72
C GLN A 47 6.25 -17.46 -8.78
N ARG A 48 7.20 -16.59 -9.11
CA ARG A 48 8.61 -16.97 -9.16
C ARG A 48 9.11 -17.50 -7.80
N GLN A 49 8.67 -16.86 -6.72
CA GLN A 49 8.99 -17.35 -5.38
C GLN A 49 8.37 -18.69 -5.11
N LEU A 50 7.10 -18.85 -5.44
CA LEU A 50 6.39 -20.09 -5.17
C LEU A 50 7.04 -21.29 -5.91
N ASP A 51 7.54 -21.03 -7.11
CA ASP A 51 8.12 -22.03 -8.01
C ASP A 51 9.60 -22.26 -7.74
N GLY A 52 10.20 -21.39 -6.92
CA GLY A 52 11.67 -21.31 -6.83
C GLY A 52 12.18 -21.30 -5.39
N GLU A 53 12.64 -20.13 -4.97
CA GLU A 53 13.24 -19.92 -3.64
C GLU A 53 12.28 -20.22 -2.48
N LYS A 54 10.98 -20.05 -2.70
CA LYS A 54 10.00 -20.29 -1.63
C LYS A 54 10.26 -19.47 -0.36
N ASN A 55 10.65 -18.21 -0.56
CA ASN A 55 10.94 -17.33 0.58
C ASN A 55 9.68 -16.68 1.12
N LEU A 56 9.21 -17.13 2.29
CA LEU A 56 7.94 -16.62 2.88
C LEU A 56 8.00 -15.13 3.23
N THR A 57 9.20 -14.66 3.60
CA THR A 57 9.38 -13.25 3.94
C THR A 57 9.24 -12.39 2.69
N GLU A 58 9.76 -12.88 1.56
CA GLU A 58 9.62 -12.13 0.32
C GLU A 58 8.17 -12.12 -0.14
N LEU A 59 7.48 -13.24 0.04
CA LEU A 59 6.05 -13.31 -0.32
C LEU A 59 5.25 -12.34 0.57
N ASP A 60 5.57 -12.30 1.84
CA ASP A 60 4.94 -11.34 2.78
C ASP A 60 5.20 -9.90 2.32
N ASN A 61 6.44 -9.58 1.93
CA ASN A 61 6.76 -8.22 1.44
C ASN A 61 6.02 -7.88 0.14
N LEU A 62 5.84 -8.86 -0.73
CA LEU A 62 5.19 -8.59 -2.00
C LEU A 62 3.69 -8.32 -1.75
N GLY A 63 3.11 -9.16 -0.91
CA GLY A 63 1.68 -8.99 -0.47
C GLY A 63 1.45 -7.60 0.10
N HIS A 64 2.32 -7.23 1.04
CA HIS A 64 2.18 -5.96 1.72
C HIS A 64 2.36 -4.80 0.75
N PHE A 65 3.29 -4.94 -0.18
CA PHE A 65 3.51 -3.93 -1.20
C PHE A 65 2.25 -3.63 -2.04
N LEU A 66 1.66 -4.69 -2.60
CA LEU A 66 0.47 -4.51 -3.44
C LEU A 66 -0.76 -4.12 -2.61
N LYS A 67 -0.78 -4.55 -1.35
CA LYS A 67 -1.89 -4.12 -0.45
C LYS A 67 -1.99 -2.57 -0.40
N GLY A 68 -0.86 -1.89 -0.26
CA GLY A 68 -0.88 -0.46 -0.04
C GLY A 68 -1.43 0.33 -1.25
N SER A 69 -1.02 -0.07 -2.43
CA SER A 69 -1.45 0.56 -3.66
C SER A 69 -2.89 0.20 -4.02
N SER A 70 -3.27 -1.10 -3.94
CA SER A 70 -4.64 -1.45 -4.22
C SER A 70 -5.56 -0.74 -3.21
N ALA A 71 -5.17 -0.70 -1.93
CA ALA A 71 -6.05 -0.01 -0.92
C ALA A 71 -6.25 1.48 -1.27
N ALA A 72 -5.16 2.14 -1.72
CA ALA A 72 -5.18 3.60 -1.97
C ALA A 72 -6.04 3.95 -3.19
N LEU A 73 -6.25 2.96 -4.07
CA LEU A 73 -7.14 3.13 -5.25
C LEU A 73 -8.57 2.56 -5.07
N GLY A 74 -8.87 2.09 -3.86
CA GLY A 74 -10.23 1.58 -3.54
C GLY A 74 -10.46 0.15 -4.04
N LEU A 75 -9.38 -0.52 -4.49
CA LEU A 75 -9.50 -1.91 -5.00
C LEU A 75 -9.43 -2.85 -3.80
N GLN A 76 -10.51 -2.82 -3.01
CA GLN A 76 -10.45 -3.27 -1.63
C GLN A 76 -10.48 -4.79 -1.50
N ARG A 77 -10.98 -5.48 -2.53
CA ARG A 77 -10.92 -6.96 -2.46
C ARG A 77 -9.52 -7.45 -2.75
N ILE A 78 -8.88 -6.82 -3.72
CA ILE A 78 -7.47 -7.14 -3.98
C ILE A 78 -6.67 -6.87 -2.69
N ALA A 79 -6.89 -5.67 -2.12
CA ALA A 79 -6.12 -5.30 -0.87
C ALA A 79 -6.34 -6.36 0.24
N TRP A 80 -7.58 -6.81 0.43
CA TRP A 80 -7.88 -7.83 1.44
C TRP A 80 -7.08 -9.12 1.21
N VAL A 81 -7.08 -9.62 -0.04
CA VAL A 81 -6.35 -10.86 -0.33
C VAL A 81 -4.83 -10.64 -0.14
N CYS A 82 -4.32 -9.48 -0.53
CA CYS A 82 -2.95 -9.12 -0.23
C CYS A 82 -2.59 -9.18 1.27
N GLU A 83 -3.52 -8.73 2.11
CA GLU A 83 -3.30 -8.72 3.55
C GLU A 83 -3.22 -10.17 4.06
N ARG A 84 -4.05 -11.05 3.51
CA ARG A 84 -4.02 -12.48 3.83
C ARG A 84 -2.65 -13.06 3.43
N ILE A 85 -2.21 -12.76 2.22
CA ILE A 85 -0.82 -13.21 1.83
C ILE A 85 0.24 -12.75 2.82
N GLN A 86 0.22 -11.47 3.19
CA GLN A 86 1.17 -11.00 4.19
C GLN A 86 1.13 -11.84 5.46
N ASN A 87 -0.07 -12.09 5.97
CA ASN A 87 -0.21 -12.79 7.23
C ASN A 87 0.16 -14.27 7.14
N LEU A 88 -0.14 -14.88 6.00
CA LEU A 88 0.28 -16.26 5.74
C LEU A 88 1.80 -16.35 5.69
N GLY A 89 2.43 -15.36 5.03
CA GLY A 89 3.91 -15.31 4.90
C GLY A 89 4.59 -15.17 6.25
N ARG A 90 3.89 -14.51 7.19
CA ARG A 90 4.30 -14.32 8.60
C ARG A 90 3.92 -15.51 9.53
N LYS A 91 3.32 -16.54 8.94
CA LYS A 91 2.80 -17.73 9.69
C LYS A 91 1.81 -17.36 10.78
N MET A 92 1.03 -16.28 10.53
N MET A 92 1.04 -16.28 10.57
CA MET A 92 0.08 -15.72 11.50
CA MET A 92 0.07 -15.84 11.56
C MET A 92 -1.38 -16.07 11.19
C MET A 92 -1.28 -16.47 11.30
N GLU A 93 -1.57 -16.71 10.04
CA GLU A 93 -2.84 -17.29 9.62
C GLU A 93 -2.63 -18.71 9.06
N HIS A 94 -3.69 -19.54 9.14
CA HIS A 94 -3.52 -20.98 8.91
C HIS A 94 -4.60 -21.59 8.02
N PHE A 95 -5.28 -20.73 7.29
CA PHE A 95 -6.30 -21.15 6.33
C PHE A 95 -6.50 -20.02 5.32
N PHE A 96 -7.12 -20.33 4.20
CA PHE A 96 -7.52 -19.32 3.22
C PHE A 96 -8.75 -19.88 2.53
N PRO A 97 -9.85 -19.08 2.46
CA PRO A 97 -11.10 -19.61 1.91
C PRO A 97 -11.04 -20.05 0.45
N ASN A 98 -11.91 -21.01 0.12
CA ASN A 98 -12.09 -21.55 -1.24
C ASN A 98 -12.65 -20.47 -2.14
N LYS A 99 -12.40 -20.59 -3.44
CA LYS A 99 -12.79 -19.58 -4.41
C LYS A 99 -14.32 -19.38 -4.48
N THR A 100 -15.07 -20.50 -4.40
CA THR A 100 -16.52 -20.45 -4.39
C THR A 100 -17.07 -19.60 -3.25
N GLU A 101 -16.57 -19.82 -2.02
CA GLU A 101 -16.97 -19.00 -0.86
C GLU A 101 -16.71 -17.49 -1.11
N LEU A 102 -15.54 -17.16 -1.62
CA LEU A 102 -15.16 -15.77 -1.85
C LEU A 102 -15.94 -15.15 -3.02
N VAL A 103 -16.18 -15.91 -4.10
CA VAL A 103 -16.96 -15.31 -5.21
C VAL A 103 -18.42 -15.09 -4.78
N ASN A 104 -18.93 -15.95 -3.90
CA ASN A 104 -20.31 -15.80 -3.39
C ASN A 104 -20.53 -14.54 -2.52
N THR A 105 -19.47 -13.89 -2.07
CA THR A 105 -19.60 -12.67 -1.26
C THR A 105 -19.73 -11.41 -2.14
N LEU A 106 -19.47 -11.53 -3.44
CA LEU A 106 -19.60 -10.39 -4.36
C LEU A 106 -20.99 -9.70 -4.32
N SER A 107 -20.99 -8.37 -4.29
CA SER A 107 -22.26 -7.62 -4.23
C SER A 107 -22.99 -7.69 -5.55
N ASP A 108 -22.22 -7.61 -6.64
CA ASP A 108 -22.74 -7.74 -8.00
C ASP A 108 -22.36 -9.18 -8.31
N LYS A 109 -23.08 -10.10 -7.67
CA LYS A 109 -22.70 -11.53 -7.66
C LYS A 109 -22.76 -12.10 -9.07
N SER A 110 -23.55 -11.45 -9.93
CA SER A 110 -23.70 -11.85 -11.33
C SER A 110 -22.53 -11.44 -12.24
N ILE A 111 -21.50 -10.77 -11.70
CA ILE A 111 -20.37 -10.33 -12.53
C ILE A 111 -19.50 -11.52 -12.97
N ILE A 112 -19.78 -12.69 -12.40
CA ILE A 112 -18.99 -13.91 -12.58
C ILE A 112 -19.58 -14.84 -13.64
N ASN A 113 -20.42 -14.26 -14.51
CA ASN A 113 -21.24 -15.07 -15.41
C ASN A 113 -20.64 -15.45 -16.77
N GLY A 114 -19.89 -14.55 -17.39
CA GLY A 114 -19.32 -14.83 -18.72
C GLY A 114 -17.81 -14.99 -18.79
N ILE A 115 -17.20 -15.46 -17.69
CA ILE A 115 -15.76 -15.69 -17.64
C ILE A 115 -15.41 -16.97 -16.89
N ASN A 116 -14.25 -17.55 -17.21
CA ASN A 116 -13.76 -18.72 -16.48
C ASN A 116 -12.94 -18.35 -15.24
N ILE A 117 -13.54 -18.57 -14.08
CA ILE A 117 -13.05 -18.06 -12.78
C ILE A 117 -11.69 -18.70 -12.41
N ASP A 118 -11.38 -19.79 -13.12
CA ASP A 118 -10.13 -20.56 -12.95
C ASP A 118 -9.12 -20.34 -14.09
N GLU A 119 -9.48 -19.47 -15.04
CA GLU A 119 -8.66 -19.19 -16.23
C GLU A 119 -7.20 -18.82 -15.97
N ASP A 120 -6.99 -17.92 -15.00
CA ASP A 120 -5.66 -17.43 -14.71
C ASP A 120 -4.94 -18.24 -13.61
N ASP A 121 -5.59 -19.28 -13.09
CA ASP A 121 -4.98 -20.19 -12.10
C ASP A 121 -3.65 -20.75 -12.58
N GLU A 122 -2.70 -20.78 -11.65
CA GLU A 122 -1.42 -21.46 -11.83
C GLU A 122 -1.18 -22.40 -10.67
N GLU A 123 -0.60 -23.55 -10.98
CA GLU A 123 -0.35 -24.55 -9.94
C GLU A 123 1.08 -24.44 -9.39
N ILE A 124 1.17 -24.50 -8.06
CA ILE A 124 2.41 -24.46 -7.27
C ILE A 124 3.28 -25.74 -7.42
N LYS A 125 4.48 -25.54 -7.98
CA LYS A 125 5.45 -26.63 -8.11
C LYS A 125 6.11 -26.89 -6.77
N ILE A 126 5.58 -27.90 -6.06
CA ILE A 126 5.94 -28.14 -4.65
C ILE A 126 5.77 -29.63 -4.34
N GLN A 127 6.88 -30.27 -3.96
CA GLN A 127 6.89 -31.71 -3.68
C GLN A 127 6.25 -32.05 -2.33
N VAL A 128 6.11 -33.35 -2.04
CA VAL A 128 5.27 -33.81 -0.92
C VAL A 128 5.70 -34.96 0.06
N ASP A 129 6.72 -35.81 -0.19
CA ASP A 129 7.81 -35.79 -1.20
C ASP A 129 9.01 -34.88 -0.84
N ASP A 130 8.77 -33.58 -0.65
CA ASP A 130 9.78 -32.68 -0.07
C ASP A 130 9.08 -31.75 0.93
N LYS A 131 7.94 -32.22 1.43
CA LYS A 131 7.04 -31.46 2.29
C LYS A 131 7.60 -31.31 3.70
N ASP A 132 7.35 -30.16 4.32
CA ASP A 132 7.78 -29.88 5.69
C ASP A 132 6.83 -28.93 6.42
N GLU A 133 7.31 -28.33 7.52
CA GLU A 133 6.51 -27.41 8.33
C GLU A 133 6.10 -26.11 7.61
N ASN A 134 6.73 -25.81 6.47
CA ASN A 134 6.44 -24.55 5.78
C ASN A 134 5.54 -24.72 4.59
N SER A 135 5.25 -25.98 4.30
CA SER A 135 4.48 -26.31 3.11
C SER A 135 3.09 -25.69 3.15
N ILE A 136 2.37 -25.76 4.27
N ILE A 136 2.40 -25.82 4.28
CA ILE A 136 1.00 -25.19 4.24
CA ILE A 136 1.04 -25.23 4.40
C ILE A 136 1.02 -23.73 3.85
C ILE A 136 0.99 -23.76 3.96
N TYR A 137 1.96 -22.95 4.39
CA TYR A 137 1.95 -21.51 4.12
C TYR A 137 2.15 -21.24 2.63
N LEU A 138 3.10 -21.98 2.04
CA LEU A 138 3.35 -21.84 0.62
C LEU A 138 2.13 -22.26 -0.19
N ILE A 139 1.49 -23.36 0.21
CA ILE A 139 0.36 -23.82 -0.57
C ILE A 139 -0.87 -22.88 -0.39
N LEU A 140 -1.08 -22.34 0.81
CA LEU A 140 -2.15 -21.36 1.02
C LEU A 140 -1.88 -20.01 0.31
N ILE A 141 -0.62 -19.59 0.28
CA ILE A 141 -0.25 -18.40 -0.53
C ILE A 141 -0.49 -18.64 -2.02
N ALA A 142 -0.20 -19.85 -2.52
CA ALA A 142 -0.52 -20.15 -3.93
C ALA A 142 -2.03 -20.07 -4.19
N LYS A 143 -2.83 -20.58 -3.22
CA LYS A 143 -4.30 -20.51 -3.24
C LYS A 143 -4.73 -19.03 -3.29
N ALA A 144 -4.17 -18.23 -2.37
CA ALA A 144 -4.42 -16.80 -2.32
C ALA A 144 -4.06 -16.04 -3.58
N LEU A 145 -2.93 -16.42 -4.18
CA LEU A 145 -2.51 -15.78 -5.41
C LEU A 145 -3.50 -16.09 -6.57
N ASN A 146 -3.98 -17.34 -6.61
CA ASN A 146 -4.97 -17.67 -7.62
C ASN A 146 -6.23 -16.81 -7.42
N GLN A 147 -6.62 -16.62 -6.15
CA GLN A 147 -7.75 -15.71 -5.83
C GLN A 147 -7.44 -14.28 -6.30
N SER A 148 -6.21 -13.83 -6.00
CA SER A 148 -5.75 -12.44 -6.36
C SER A 148 -5.85 -12.21 -7.87
N ARG A 149 -5.41 -13.17 -8.69
N ARG A 149 -5.38 -13.19 -8.66
CA ARG A 149 -5.53 -13.02 -10.15
CA ARG A 149 -5.49 -13.14 -10.14
C ARG A 149 -6.98 -12.89 -10.63
C ARG A 149 -6.95 -12.88 -10.57
N LEU A 150 -7.89 -13.61 -9.97
CA LEU A 150 -9.35 -13.50 -10.22
C LEU A 150 -9.85 -12.13 -9.80
N GLU A 151 -9.47 -11.71 -8.59
CA GLU A 151 -9.91 -10.38 -8.10
C GLU A 151 -9.34 -9.28 -9.03
N PHE A 152 -8.10 -9.47 -9.51
CA PHE A 152 -7.53 -8.51 -10.44
C PHE A 152 -8.28 -8.40 -11.75
N LYS A 153 -8.60 -9.54 -12.34
CA LYS A 153 -9.42 -9.58 -13.57
C LYS A 153 -10.81 -8.91 -13.33
N LEU A 154 -11.45 -9.20 -12.20
CA LEU A 154 -12.74 -8.55 -11.90
C LEU A 154 -12.59 -7.02 -11.79
N ALA A 155 -11.54 -6.57 -11.10
CA ALA A 155 -11.31 -5.11 -10.96
C ALA A 155 -11.09 -4.49 -12.32
N ARG A 156 -10.31 -5.17 -13.18
CA ARG A 156 -10.09 -4.69 -14.57
C ARG A 156 -11.35 -4.61 -15.40
N ILE A 157 -12.28 -5.53 -15.18
CA ILE A 157 -13.58 -5.54 -15.86
C ILE A 157 -14.34 -4.28 -15.43
N GLU A 158 -14.45 -4.04 -14.12
CA GLU A 158 -15.23 -2.90 -13.58
C GLU A 158 -14.57 -1.61 -14.02
N LEU A 159 -13.23 -1.55 -13.96
CA LEU A 159 -12.48 -0.34 -14.36
C LEU A 159 -12.63 -0.07 -15.87
N SER A 160 -12.51 -1.12 -16.68
CA SER A 160 -12.71 -1.02 -18.14
C SER A 160 -14.11 -0.54 -18.49
N LYS A 161 -15.10 -0.96 -17.70
CA LYS A 161 -16.50 -0.53 -17.89
C LYS A 161 -16.69 0.97 -17.51
N TYR A 162 -16.09 1.38 -16.38
CA TYR A 162 -16.03 2.79 -15.96
C TYR A 162 -15.34 3.70 -16.99
N TYR A 163 -14.15 3.30 -17.46
CA TYR A 163 -13.40 4.09 -18.44
C TYR A 163 -13.85 3.93 -19.88
N ASN A 164 -14.81 3.04 -20.12
CA ASN A 164 -15.15 2.62 -21.50
C ASN A 164 -13.92 2.31 -22.39
N THR A 165 -12.93 1.60 -21.82
CA THR A 165 -11.67 1.24 -22.53
C THR A 165 -10.98 0.11 -21.79
N ASN A 166 -10.41 -0.86 -22.52
N ASN A 166 -10.44 -0.84 -22.57
CA ASN A 166 -9.85 -2.05 -21.86
CA ASN A 166 -9.62 -1.97 -22.07
C ASN A 166 -8.43 -1.88 -21.30
C ASN A 166 -8.40 -1.51 -21.27
N LEU A 167 -8.37 -1.84 -19.97
CA LEU A 167 -7.19 -1.50 -19.18
C LEU A 167 -6.48 -2.74 -18.63
N THR B 1 9.24 26.06 -0.64
N THR B 1 8.97 29.70 8.00
CA THR B 1 9.88 26.24 0.70
CA THR B 1 9.21 29.82 6.52
C THR B 1 8.88 26.77 1.73
C THR B 1 8.39 28.81 5.73
N SER B 2 9.34 26.99 2.96
N SER B 2 9.01 28.25 4.69
CA SER B 2 8.46 27.32 4.07
CA SER B 2 8.32 27.32 3.79
C SER B 2 8.17 26.04 4.85
C SER B 2 8.37 25.88 4.31
N VAL B 3 7.18 25.27 4.35
CA VAL B 3 6.97 23.90 4.83
C VAL B 3 7.74 22.93 3.93
N LYS B 4 8.45 21.98 4.54
CA LYS B 4 9.24 21.01 3.81
C LYS B 4 8.94 19.63 4.39
N ILE B 5 8.43 18.73 3.55
CA ILE B 5 8.04 17.39 4.00
C ILE B 5 8.79 16.28 3.26
N LEU B 6 9.17 15.24 4.00
CA LEU B 6 9.79 14.06 3.42
C LEU B 6 8.77 12.94 3.45
N VAL B 7 8.52 12.33 2.29
CA VAL B 7 7.66 11.12 2.19
C VAL B 7 8.55 9.91 1.92
N VAL B 8 8.52 8.95 2.85
CA VAL B 8 9.37 7.78 2.71
C VAL B 8 8.44 6.59 2.42
N GLU B 9 8.64 5.96 1.26
CA GLU B 9 7.62 5.08 0.70
C GLU B 9 8.24 4.38 -0.52
N ASP B 10 8.22 3.05 -0.54
CA ASP B 10 8.78 2.24 -1.65
C ASP B 10 7.77 2.04 -2.78
N ASN B 11 6.48 2.24 -2.50
CA ASN B 11 5.47 2.06 -3.57
C ASN B 11 5.14 3.37 -4.28
N HIS B 12 5.50 3.46 -5.56
CA HIS B 12 5.38 4.74 -6.30
C HIS B 12 3.91 5.25 -6.41
N VAL B 13 2.93 4.34 -6.48
CA VAL B 13 1.54 4.75 -6.49
C VAL B 13 1.22 5.55 -5.19
N ASN B 14 1.56 4.97 -4.06
CA ASN B 14 1.35 5.64 -2.77
C ASN B 14 2.08 6.95 -2.69
N GLN B 15 3.33 6.98 -3.17
CA GLN B 15 4.09 8.28 -3.19
C GLN B 15 3.27 9.36 -3.93
N GLU B 16 2.75 8.98 -5.10
N GLU B 16 2.78 9.01 -5.12
CA GLU B 16 2.04 9.94 -5.96
CA GLU B 16 2.05 9.99 -5.93
C GLU B 16 0.71 10.43 -5.35
C GLU B 16 0.77 10.47 -5.24
N VAL B 17 0.04 9.54 -4.61
CA VAL B 17 -1.25 9.91 -3.97
C VAL B 17 -0.98 10.90 -2.80
N ILE B 18 -0.05 10.57 -1.91
CA ILE B 18 0.22 11.47 -0.79
C ILE B 18 0.80 12.81 -1.25
N LYS B 19 1.64 12.77 -2.28
CA LYS B 19 2.21 14.02 -2.86
C LYS B 19 1.09 14.97 -3.35
N ARG B 20 0.13 14.41 -4.08
CA ARG B 20 -0.97 15.19 -4.61
C ARG B 20 -1.82 15.75 -3.47
N MET B 21 -2.12 14.92 -2.47
N MET B 21 -2.11 14.92 -2.47
CA MET B 21 -2.87 15.37 -1.29
CA MET B 21 -2.88 15.38 -1.31
C MET B 21 -2.17 16.53 -0.58
C MET B 21 -2.18 16.51 -0.54
N LEU B 22 -0.87 16.38 -0.33
CA LEU B 22 -0.09 17.47 0.29
C LEU B 22 -0.04 18.75 -0.57
N ASN B 23 0.16 18.60 -1.87
CA ASN B 23 0.08 19.72 -2.81
C ASN B 23 -1.27 20.46 -2.70
N LEU B 24 -2.35 19.70 -2.62
N LEU B 24 -2.37 19.71 -2.62
CA LEU B 24 -3.68 20.28 -2.48
CA LEU B 24 -3.69 20.30 -2.49
C LEU B 24 -3.83 21.04 -1.18
C LEU B 24 -3.94 20.91 -1.11
N GLU B 25 -3.00 20.70 -0.20
CA GLU B 25 -3.01 21.37 1.11
C GLU B 25 -2.10 22.61 1.09
N GLY B 26 -1.63 23.00 -0.09
CA GLY B 26 -0.74 24.16 -0.25
C GLY B 26 0.73 23.90 0.02
N ILE B 27 1.07 22.64 0.34
CA ILE B 27 2.48 22.25 0.54
C ILE B 27 3.15 21.76 -0.75
N GLU B 28 4.05 22.57 -1.31
CA GLU B 28 4.72 22.22 -2.57
C GLU B 28 6.09 21.58 -2.40
N ASN B 29 6.74 21.82 -1.26
CA ASN B 29 8.12 21.34 -1.05
C ASN B 29 8.13 19.94 -0.44
N ILE B 30 7.91 18.95 -1.31
CA ILE B 30 7.80 17.55 -0.93
C ILE B 30 8.97 16.76 -1.51
N GLU B 31 9.74 16.07 -0.66
CA GLU B 31 10.80 15.19 -1.14
C GLU B 31 10.40 13.74 -0.93
N LEU B 32 10.88 12.86 -1.81
CA LEU B 32 10.58 11.42 -1.77
C LEU B 32 11.82 10.56 -1.53
N ALA B 33 11.69 9.60 -0.62
CA ALA B 33 12.72 8.58 -0.39
C ALA B 33 12.09 7.20 -0.60
N CYS B 34 12.82 6.28 -1.22
CA CYS B 34 12.26 4.96 -1.54
C CYS B 34 12.51 3.86 -0.53
N ASP B 35 13.39 4.15 0.43
CA ASP B 35 13.65 3.23 1.53
C ASP B 35 14.21 4.00 2.73
N GLY B 36 14.46 3.25 3.80
CA GLY B 36 14.86 3.83 5.06
C GLY B 36 16.25 4.40 5.05
N GLN B 37 17.12 3.89 4.17
CA GLN B 37 18.50 4.37 4.09
C GLN B 37 18.53 5.72 3.39
N GLU B 38 17.82 5.81 2.28
CA GLU B 38 17.67 7.05 1.57
C GLU B 38 17.05 8.14 2.46
N ALA B 39 16.05 7.77 3.26
CA ALA B 39 15.43 8.68 4.23
C ALA B 39 16.47 9.20 5.21
N PHE B 40 17.20 8.28 5.85
CA PHE B 40 18.30 8.68 6.72
C PHE B 40 19.30 9.65 6.07
N ASP B 41 19.72 9.31 4.85
CA ASP B 41 20.67 10.12 4.07
C ASP B 41 20.16 11.54 3.84
N LYS B 42 18.87 11.66 3.50
CA LYS B 42 18.29 12.98 3.19
C LYS B 42 18.13 13.85 4.43
N VAL B 43 17.68 13.23 5.51
CA VAL B 43 17.52 13.93 6.77
C VAL B 43 18.89 14.30 7.26
N LYS B 44 19.81 13.37 7.05
CA LYS B 44 21.20 13.64 7.34
C LYS B 44 21.82 14.85 6.60
N GLU B 45 21.55 14.96 5.28
CA GLU B 45 22.02 16.12 4.49
C GLU B 45 21.40 17.44 4.97
N LEU B 46 20.10 17.43 5.23
CA LEU B 46 19.37 18.63 5.68
C LEU B 46 19.80 19.04 7.10
N THR B 47 20.23 18.05 7.89
CA THR B 47 20.82 18.25 9.22
C THR B 47 22.04 19.20 9.22
N SER B 48 22.85 19.10 8.17
CA SER B 48 24.00 20.00 7.93
C SER B 48 23.56 21.44 7.75
N LYS B 49 22.65 21.67 6.78
CA LYS B 49 22.03 23.00 6.55
C LYS B 49 21.49 23.69 7.82
N GLY B 50 21.21 22.90 8.86
CA GLY B 50 20.66 23.42 10.11
C GLY B 50 19.16 23.67 10.03
N GLU B 51 18.44 22.72 9.43
CA GLU B 51 16.98 22.78 9.32
C GLU B 51 16.35 21.38 9.38
N ASN B 52 15.14 21.31 9.90
CA ASN B 52 14.41 20.04 9.92
C ASN B 52 13.48 19.94 8.71
N TYR B 53 12.94 18.75 8.48
CA TYR B 53 11.77 18.68 7.62
C TYR B 53 10.75 18.95 8.68
N ASN B 54 9.77 19.78 8.31
CA ASN B 54 8.65 20.01 9.20
C ASN B 54 8.12 18.69 9.70
N MET B 55 7.93 17.77 8.75
CA MET B 55 7.36 16.45 9.00
C MET B 55 7.97 15.39 8.10
N ILE B 56 8.05 14.15 8.60
CA ILE B 56 8.38 12.99 7.80
C ILE B 56 7.23 11.98 7.87
N PHE B 57 6.74 11.54 6.71
CA PHE B 57 5.78 10.43 6.66
C PHE B 57 6.57 9.20 6.35
N MET B 58 6.42 8.18 7.19
CA MET B 58 7.30 7.02 7.10
C MET B 58 6.54 5.72 6.93
N ASP B 59 6.76 5.10 5.77
CA ASP B 59 6.26 3.77 5.52
C ASP B 59 7.03 2.77 6.44
N VAL B 60 6.41 1.67 6.78
CA VAL B 60 7.12 0.63 7.55
C VAL B 60 7.92 -0.36 6.69
N GLN B 61 7.27 -1.19 5.88
CA GLN B 61 8.07 -2.18 5.08
C GLN B 61 8.67 -1.57 3.87
N MET B 62 9.99 -1.68 3.75
CA MET B 62 10.71 -1.14 2.62
C MET B 62 12.00 -1.98 2.52
N PRO B 63 12.55 -2.11 1.32
CA PRO B 63 13.81 -2.88 1.20
C PRO B 63 14.97 -2.14 1.88
N LYS B 64 16.04 -2.87 2.22
CA LYS B 64 17.30 -2.27 2.68
C LYS B 64 17.19 -1.88 4.14
N VAL B 65 16.35 -0.90 4.45
CA VAL B 65 16.14 -0.44 5.83
C VAL B 65 14.65 -0.11 5.96
N ASP B 66 13.95 -0.78 6.88
CA ASP B 66 12.51 -0.50 7.08
C ASP B 66 12.28 0.79 7.88
N GLY B 67 11.01 1.18 8.06
CA GLY B 67 10.73 2.49 8.66
C GLY B 67 10.97 2.55 10.16
N LEU B 68 10.82 1.42 10.82
CA LEU B 68 11.18 1.35 12.26
C LEU B 68 12.69 1.55 12.52
N LEU B 69 13.52 0.90 11.72
CA LEU B 69 14.97 1.02 11.84
C LEU B 69 15.36 2.41 11.35
N SER B 70 14.75 2.88 10.25
CA SER B 70 15.01 4.23 9.75
C SER B 70 14.78 5.26 10.84
N THR B 71 13.60 5.23 11.47
CA THR B 71 13.28 6.11 12.61
C THR B 71 14.30 6.04 13.75
N LYS B 72 14.66 4.83 14.16
CA LYS B 72 15.69 4.65 15.19
C LYS B 72 16.99 5.34 14.83
N MET B 73 17.48 5.12 13.61
CA MET B 73 18.70 5.78 13.15
C MET B 73 18.57 7.32 13.13
N ILE B 74 17.44 7.83 12.63
CA ILE B 74 17.23 9.26 12.53
C ILE B 74 17.20 9.88 13.93
N ARG B 75 16.46 9.26 14.85
CA ARG B 75 16.42 9.76 16.24
C ARG B 75 17.77 9.71 16.95
N ARG B 76 18.36 8.52 16.92
CA ARG B 76 19.56 8.23 17.69
C ARG B 76 20.79 8.90 17.09
N ASP B 77 21.04 8.65 15.80
CA ASP B 77 22.32 9.02 15.17
C ASP B 77 22.38 10.49 14.76
N LEU B 78 21.20 11.06 14.47
CA LEU B 78 21.08 12.42 13.99
C LEU B 78 20.44 13.26 15.07
N GLY B 79 20.33 14.55 14.86
CA GLY B 79 19.71 15.30 15.95
C GLY B 79 18.27 14.91 16.33
N TYR B 80 17.61 14.09 15.49
CA TYR B 80 16.29 14.51 14.98
C TYR B 80 15.12 14.68 15.98
N THR B 81 14.59 15.89 16.05
CA THR B 81 13.57 16.19 17.04
C THR B 81 12.17 16.49 16.52
N SER B 82 12.01 16.56 15.19
CA SER B 82 10.75 16.94 14.57
C SER B 82 9.87 15.69 14.32
N PRO B 83 8.57 15.87 14.00
CA PRO B 83 7.62 14.75 13.85
C PRO B 83 7.95 13.80 12.69
N ILE B 84 7.74 12.51 13.05
CA ILE B 84 7.75 11.39 12.12
C ILE B 84 6.46 10.63 12.38
N VAL B 85 5.65 10.50 11.34
CA VAL B 85 4.33 9.86 11.40
C VAL B 85 4.35 8.63 10.48
N ALA B 86 3.96 7.49 11.03
CA ALA B 86 3.91 6.24 10.22
C ALA B 86 2.81 6.46 9.16
N LEU B 87 3.12 6.09 7.93
CA LEU B 87 2.13 6.07 6.85
C LEU B 87 2.27 4.78 6.06
N THR B 88 1.39 3.82 6.35
CA THR B 88 1.72 2.42 6.11
C THR B 88 0.47 1.57 5.82
N ALA B 89 0.61 0.45 5.09
CA ALA B 89 -0.59 -0.40 4.86
C ALA B 89 -1.04 -1.19 6.12
N PHE B 90 -0.19 -1.22 7.14
CA PHE B 90 -0.56 -1.73 8.46
C PHE B 90 -1.71 -0.89 9.07
N ALA B 91 -2.70 -1.49 9.73
CA ALA B 91 -2.71 -2.69 10.50
C ALA B 91 -3.19 -2.44 11.92
N ASP B 92 -2.77 -3.39 12.75
CA ASP B 92 -3.34 -3.66 14.02
C ASP B 92 -2.50 -2.96 15.09
N ASP B 93 -2.87 -3.23 16.34
CA ASP B 93 -2.32 -2.53 17.48
C ASP B 93 -0.83 -2.83 17.66
N SER B 94 -0.40 -4.04 17.32
CA SER B 94 1.01 -4.38 17.47
C SER B 94 1.82 -3.39 16.62
N ASN B 95 1.43 -3.21 15.37
CA ASN B 95 2.15 -2.28 14.49
C ASN B 95 2.15 -0.82 14.99
N ILE B 96 1.00 -0.34 15.46
CA ILE B 96 0.92 1.03 15.99
C ILE B 96 1.83 1.22 17.20
N LYS B 97 1.87 0.22 18.08
CA LYS B 97 2.62 0.34 19.35
C LYS B 97 4.10 0.34 19.04
N GLU B 98 4.47 -0.53 18.10
CA GLU B 98 5.82 -0.68 17.66
C GLU B 98 6.30 0.63 17.06
N CYS B 99 5.48 1.24 16.18
CA CYS B 99 5.85 2.49 15.55
C CYS B 99 6.06 3.58 16.62
N LEU B 100 5.11 3.74 17.53
CA LEU B 100 5.28 4.78 18.57
C LEU B 100 6.49 4.53 19.45
N GLU B 101 6.69 3.26 19.82
CA GLU B 101 7.81 2.91 20.67
C GLU B 101 9.15 3.07 19.95
N SER B 102 9.13 3.12 18.62
CA SER B 102 10.38 3.29 17.82
C SER B 102 10.76 4.77 17.69
N GLY B 103 9.90 5.65 18.22
CA GLY B 103 10.13 7.10 18.18
C GLY B 103 9.30 7.86 17.12
N MET B 104 8.29 7.20 16.55
CA MET B 104 7.31 7.93 15.72
C MET B 104 6.24 8.63 16.59
N ASN B 105 5.80 9.80 16.17
CA ASN B 105 4.85 10.62 16.94
C ASN B 105 3.38 10.22 16.77
N GLY B 106 3.10 9.62 15.63
CA GLY B 106 1.74 9.29 15.26
C GLY B 106 1.70 8.24 14.17
N PHE B 107 0.50 7.90 13.71
CA PHE B 107 0.31 6.71 12.85
C PHE B 107 -0.92 6.92 11.99
N LEU B 108 -0.74 6.75 10.69
CA LEU B 108 -1.83 6.75 9.71
C LEU B 108 -1.79 5.43 8.93
N SER B 109 -2.97 4.84 8.74
N SER B 109 -2.96 4.81 8.80
CA SER B 109 -3.09 3.65 7.89
CA SER B 109 -3.10 3.63 7.91
C SER B 109 -3.65 4.01 6.53
C SER B 109 -3.53 4.12 6.53
N LYS B 110 -3.13 3.34 5.50
CA LYS B 110 -3.55 3.56 4.14
C LYS B 110 -4.88 2.83 3.98
N PRO B 111 -5.79 3.41 3.20
CA PRO B 111 -5.69 4.64 2.46
C PRO B 111 -5.82 5.82 3.41
N ILE B 112 -4.94 6.80 3.22
N ILE B 112 -4.95 6.80 3.20
CA ILE B 112 -5.04 8.09 3.91
CA ILE B 112 -5.10 8.11 3.78
C ILE B 112 -6.03 9.04 3.20
C ILE B 112 -6.33 8.70 3.15
N LYS B 113 -7.09 9.46 3.92
CA LYS B 113 -8.11 10.35 3.35
CA LYS B 113 -8.08 10.34 3.31
C LYS B 113 -7.74 11.81 3.61
N ARG B 114 -8.17 12.70 2.72
CA ARG B 114 -7.77 14.11 2.79
C ARG B 114 -8.10 14.78 4.13
N PRO B 115 -9.34 14.58 4.62
CA PRO B 115 -9.67 15.19 5.91
C PRO B 115 -8.76 14.71 7.06
N LYS B 116 -8.40 13.44 7.04
CA LYS B 116 -7.55 12.93 8.12
C LYS B 116 -6.11 13.48 8.03
N LEU B 117 -5.61 13.63 6.81
CA LEU B 117 -4.31 14.27 6.58
C LEU B 117 -4.31 15.71 7.13
N LYS B 118 -5.40 16.44 6.89
CA LYS B 118 -5.59 17.78 7.44
C LYS B 118 -5.37 17.83 8.98
N THR B 119 -6.00 16.89 9.69
CA THR B 119 -5.89 16.80 11.15
C THR B 119 -4.44 16.53 11.61
N ILE B 120 -3.75 15.62 10.93
CA ILE B 120 -2.35 15.29 11.26
C ILE B 120 -1.48 16.51 11.08
N LEU B 121 -1.71 17.25 10.00
CA LEU B 121 -0.87 18.41 9.70
C LEU B 121 -1.05 19.50 10.76
N THR B 122 -2.30 19.72 11.16
CA THR B 122 -2.66 20.71 12.19
C THR B 122 -2.04 20.32 13.55
N GLU B 123 -2.01 19.02 13.82
CA GLU B 123 -1.45 18.44 15.05
C GLU B 123 0.05 18.59 15.16
N PHE B 124 0.74 18.23 14.07
CA PHE B 124 2.17 17.93 14.06
C PHE B 124 3.02 18.87 13.19
N CYS B 125 2.41 19.51 12.20
CA CYS B 125 3.20 20.28 11.24
C CYS B 125 3.36 21.76 11.62
N ALA B 126 4.54 22.04 12.20
CA ALA B 126 5.08 23.38 12.44
C ALA B 126 4.37 24.55 11.74
N ALA B 127 4.91 24.99 10.60
CA ALA B 127 4.47 26.23 9.94
C ALA B 127 3.16 26.12 9.13
N TYR B 128 2.59 24.91 9.07
CA TYR B 128 1.37 24.66 8.29
C TYR B 128 0.17 25.59 8.61
N GLN B 129 -0.34 26.25 7.57
CA GLN B 129 -1.56 27.05 7.64
C GLN B 129 -2.61 26.46 6.72
N GLY B 130 -3.78 26.15 7.27
CA GLY B 130 -4.79 25.42 6.52
C GLY B 130 -6.14 26.10 6.35
N LYS B 131 -6.75 25.88 5.19
CA LYS B 131 -8.10 26.32 4.87
C LYS B 131 -8.89 25.05 4.57
N LYS B 132 -10.21 25.12 4.42
CA LYS B 132 -11.00 26.35 4.53
C LYS B 132 -12.14 26.35 3.49
N ASN B 133 -13.22 25.63 3.84
CA ASN B 133 -14.39 25.50 2.96
C ASN B 133 -14.09 24.93 1.58
#